data_1U69
#
_entry.id   1U69
#
_cell.length_a   44.546
_cell.length_b   55.017
_cell.length_c   67.069
_cell.angle_alpha   70.71
_cell.angle_beta   89.88
_cell.angle_gamma   85.61
#
_symmetry.space_group_name_H-M   'P 1'
#
loop_
_entity.id
_entity.type
_entity.pdbx_description
1 polymer 'hypothetical protein'
2 water water
#
_entity_poly.entity_id   1
_entity_poly.type   'polypeptide(L)'
_entity_poly.pdbx_seq_one_letter_code
;GH(MSE)NSKNTICLWYDSAALEAATFYAETFPDSAVLAVHRAPGDYPSGKEGDVLTVEFRV(MSE)GIPCLGLNGGPAF
RHSEAFSFQVATDDQAETDRLWNAIVDNGGEESACGWCRDKWGISWQITPRVLSEAIASPDRAAARRAFEA(MSE)
(MSE)T(MSE)GRIDIATIEKAFKGGS
;
_entity_poly.pdbx_strand_id   A,B,C,D
#
# COMPACT_ATOMS: atom_id res chain seq x y z
N SER A 5 10.20 -7.69 -6.55
CA SER A 5 9.15 -6.67 -6.71
C SER A 5 9.35 -5.95 -8.05
N LYS A 6 8.26 -5.44 -8.61
CA LYS A 6 8.31 -4.81 -9.91
C LYS A 6 9.18 -3.54 -9.87
N ASN A 7 9.01 -2.78 -8.80
CA ASN A 7 9.70 -1.51 -8.59
C ASN A 7 10.28 -1.52 -7.18
N THR A 8 11.59 -1.35 -7.09
CA THR A 8 12.33 -1.44 -5.83
C THR A 8 13.07 -0.13 -5.58
N ILE A 9 13.03 0.37 -4.36
CA ILE A 9 13.74 1.58 -3.98
C ILE A 9 15.20 1.23 -3.76
N CYS A 10 16.11 1.75 -4.58
CA CYS A 10 17.54 1.46 -4.49
C CYS A 10 18.28 2.62 -3.84
N LEU A 11 18.96 2.34 -2.73
CA LEU A 11 19.65 3.36 -1.96
C LEU A 11 21.13 3.04 -1.96
N TRP A 12 21.95 4.06 -2.21
CA TRP A 12 23.40 3.95 -2.38
C TRP A 12 24.07 4.03 -1.01
N TYR A 13 24.99 3.12 -0.75
CA TYR A 13 25.82 3.12 0.47
C TYR A 13 27.29 2.98 0.09
N ASP A 14 28.14 3.46 0.98
CA ASP A 14 29.59 3.26 0.92
C ASP A 14 29.94 2.06 1.83
N SER A 15 29.91 0.88 1.26
CA SER A 15 30.20 -0.35 1.98
C SER A 15 29.42 -0.58 3.28
N ALA A 16 28.19 -0.09 3.38
CA ALA A 16 27.41 -0.18 4.62
C ALA A 16 25.99 -0.71 4.44
N ALA A 17 25.65 -1.24 3.25
CA ALA A 17 24.27 -1.63 2.96
C ALA A 17 23.71 -2.65 3.94
N LEU A 18 24.51 -3.65 4.32
CA LEU A 18 24.02 -4.67 5.24
C LEU A 18 23.77 -4.09 6.63
N GLU A 19 24.70 -3.25 7.11
CA GLU A 19 24.57 -2.63 8.42
C GLU A 19 23.31 -1.77 8.47
N ALA A 20 23.10 -0.98 7.41
CA ALA A 20 21.94 -0.09 7.32
C ALA A 20 20.66 -0.89 7.32
N ALA A 21 20.57 -1.89 6.43
CA ALA A 21 19.37 -2.71 6.31
C ALA A 21 19.03 -3.39 7.63
N THR A 22 20.06 -3.89 8.29
CA THR A 22 19.91 -4.57 9.57
C THR A 22 19.38 -3.58 10.60
N PHE A 23 19.95 -2.38 10.62
CA PHE A 23 19.48 -1.32 11.53
C PHE A 23 18.01 -0.98 11.27
N TYR A 24 17.62 -0.84 10.01
CA TYR A 24 16.25 -0.46 9.72
C TYR A 24 15.33 -1.57 10.19
N ALA A 25 15.75 -2.82 10.01
CA ALA A 25 14.91 -3.96 10.32
C ALA A 25 14.63 -4.09 11.82
N GLU A 26 15.58 -3.65 12.64
CA GLU A 26 15.42 -3.73 14.08
C GLU A 26 14.79 -2.47 14.65
N THR A 27 14.73 -1.41 13.84
CA THR A 27 14.23 -0.11 14.27
C THR A 27 12.76 0.09 13.94
N PHE A 28 12.40 -0.11 12.69
CA PHE A 28 11.05 0.16 12.25
C PHE A 28 10.18 -1.09 12.35
N PRO A 29 8.88 -0.90 12.53
CA PRO A 29 7.95 -2.03 12.52
C PRO A 29 7.83 -2.63 11.12
N ASP A 30 7.40 -3.90 11.04
CA ASP A 30 7.14 -4.55 9.76
C ASP A 30 8.28 -4.33 8.74
N SER A 31 9.50 -4.56 9.21
CA SER A 31 10.68 -4.39 8.37
C SER A 31 11.63 -5.57 8.57
N ALA A 32 12.36 -5.89 7.51
CA ALA A 32 13.20 -7.09 7.49
C ALA A 32 14.28 -7.05 6.40
N VAL A 33 15.39 -7.70 6.71
CA VAL A 33 16.43 -8.01 5.73
C VAL A 33 16.02 -9.32 5.03
N LEU A 34 16.04 -9.30 3.70
CA LEU A 34 15.49 -10.39 2.91
C LEU A 34 16.55 -11.28 2.24
N ALA A 35 17.62 -10.68 1.74
CA ALA A 35 18.64 -11.41 1.00
C ALA A 35 19.91 -10.58 0.88
N VAL A 36 21.04 -11.27 0.83
CA VAL A 36 22.34 -10.64 0.67
C VAL A 36 22.99 -11.22 -0.57
N HIS A 37 23.45 -10.33 -1.45
CA HIS A 37 23.99 -10.73 -2.75
C HIS A 37 25.44 -10.29 -2.84
N ARG A 38 26.33 -11.25 -3.03
CA ARG A 38 27.74 -10.93 -3.06
C ARG A 38 28.21 -10.66 -4.47
N ALA A 39 29.27 -9.85 -4.59
CA ALA A 39 29.81 -9.43 -5.89
C ALA A 39 30.44 -10.63 -6.57
N PRO A 40 30.04 -10.94 -7.80
CA PRO A 40 30.64 -12.09 -8.50
C PRO A 40 32.02 -11.80 -9.05
N GLY A 41 32.42 -10.53 -9.11
CA GLY A 41 33.78 -10.16 -9.47
C GLY A 41 34.19 -8.86 -8.82
N ASP A 42 35.47 -8.52 -9.00
CA ASP A 42 35.97 -7.25 -8.55
C ASP A 42 35.26 -6.13 -9.29
N TYR A 43 35.08 -5.00 -8.63
CA TYR A 43 34.41 -3.87 -9.24
C TYR A 43 34.94 -2.59 -8.59
N PRO A 44 34.55 -1.43 -9.11
CA PRO A 44 35.12 -0.16 -8.62
C PRO A 44 35.15 0.00 -7.09
N SER A 45 34.11 -0.43 -6.36
CA SER A 45 34.06 -0.24 -4.90
C SER A 45 33.94 -1.52 -4.07
N GLY A 46 34.45 -2.64 -4.58
CA GLY A 46 34.47 -3.85 -3.80
C GLY A 46 35.21 -4.98 -4.49
N LYS A 47 35.60 -5.98 -3.70
CA LYS A 47 36.22 -7.18 -4.21
C LYS A 47 35.16 -8.23 -4.46
N GLU A 48 35.48 -9.20 -5.29
CA GLU A 48 34.67 -10.38 -5.44
C GLU A 48 34.39 -10.98 -4.06
N GLY A 49 33.13 -11.28 -3.78
CA GLY A 49 32.73 -11.89 -2.53
C GLY A 49 32.26 -10.90 -1.48
N ASP A 50 32.52 -9.62 -1.70
CA ASP A 50 32.02 -8.55 -0.81
C ASP A 50 30.52 -8.44 -1.01
N VAL A 51 29.82 -7.84 -0.06
CA VAL A 51 28.39 -7.58 -0.20
C VAL A 51 28.19 -6.53 -1.29
N LEU A 52 27.43 -6.88 -2.32
CA LEU A 52 27.15 -5.96 -3.42
C LEU A 52 25.79 -5.30 -3.22
N THR A 53 24.74 -6.10 -3.05
CA THR A 53 23.42 -5.57 -2.69
C THR A 53 22.79 -6.34 -1.55
N VAL A 54 21.83 -5.68 -0.91
CA VAL A 54 21.02 -6.28 0.15
C VAL A 54 19.57 -5.94 -0.13
N GLU A 55 18.73 -6.97 -0.27
CA GLU A 55 17.29 -6.76 -0.39
C GLU A 55 16.72 -6.62 1.01
N PHE A 56 15.88 -5.61 1.22
CA PHE A 56 15.19 -5.44 2.49
C PHE A 56 13.85 -4.77 2.28
N ARG A 57 13.00 -4.81 3.30
CA ARG A 57 11.68 -4.19 3.20
C ARG A 57 11.49 -3.30 4.40
N VAL A 58 11.01 -2.08 4.18
CA VAL A 58 10.68 -1.20 5.30
C VAL A 58 9.23 -0.73 5.23
N MSE A 59 8.39 -1.25 6.12
CA MSE A 59 7.01 -0.80 6.25
C MSE A 59 6.27 -0.79 4.90
O MSE A 59 5.62 0.19 4.55
CB MSE A 59 6.98 0.57 6.91
CG MSE A 59 7.43 0.55 8.35
SE MSE A 59 7.74 2.32 9.08
CE MSE A 59 9.48 2.77 8.22
N GLY A 60 6.36 -1.90 4.17
CA GLY A 60 5.60 -2.09 2.94
C GLY A 60 6.37 -1.76 1.68
N ILE A 61 7.58 -1.19 1.83
CA ILE A 61 8.36 -0.72 0.69
C ILE A 61 9.52 -1.68 0.42
N PRO A 62 9.57 -2.26 -0.78
CA PRO A 62 10.70 -3.12 -1.16
C PRO A 62 11.91 -2.26 -1.51
N CYS A 63 13.07 -2.57 -0.91
CA CYS A 63 14.27 -1.78 -1.07
C CYS A 63 15.46 -2.65 -1.42
N LEU A 64 16.48 -2.00 -2.00
CA LEU A 64 17.77 -2.61 -2.28
C LEU A 64 18.83 -1.62 -1.81
N GLY A 65 19.74 -2.09 -0.96
CA GLY A 65 20.91 -1.31 -0.55
C GLY A 65 22.07 -1.71 -1.44
N LEU A 66 22.69 -0.73 -2.11
CA LEU A 66 23.76 -0.98 -3.07
C LEU A 66 25.06 -0.44 -2.54
N ASN A 67 26.06 -1.31 -2.38
CA ASN A 67 27.40 -0.88 -2.00
C ASN A 67 28.16 -0.36 -3.22
N GLY A 68 28.04 0.93 -3.47
CA GLY A 68 28.64 1.56 -4.62
C GLY A 68 29.81 2.46 -4.32
N GLY A 69 30.23 2.54 -3.06
CA GLY A 69 31.35 3.39 -2.69
C GLY A 69 30.92 4.82 -2.44
N PRO A 70 31.89 5.71 -2.24
CA PRO A 70 31.61 7.12 -1.96
C PRO A 70 31.23 8.02 -3.14
N ALA A 71 30.87 7.45 -4.31
CA ALA A 71 30.76 8.26 -5.52
C ALA A 71 29.60 9.22 -5.46
N PHE A 72 28.51 8.81 -4.82
CA PHE A 72 27.33 9.66 -4.72
C PHE A 72 26.91 9.85 -3.26
N ARG A 73 26.29 11.00 -2.99
CA ARG A 73 25.83 11.39 -1.66
C ARG A 73 24.33 11.63 -1.66
N HIS A 74 23.69 11.30 -0.55
CA HIS A 74 22.24 11.53 -0.38
C HIS A 74 21.90 13.00 -0.13
N SER A 75 20.67 13.36 -0.43
CA SER A 75 20.11 14.64 -0.01
C SER A 75 18.60 14.58 0.12
N GLU A 76 18.03 15.70 0.56
CA GLU A 76 16.60 15.79 0.85
C GLU A 76 15.74 15.68 -0.40
N ALA A 77 16.35 15.63 -1.57
CA ALA A 77 15.62 15.35 -2.81
C ALA A 77 14.81 14.06 -2.69
N PHE A 78 15.33 13.10 -1.92
CA PHE A 78 14.59 11.88 -1.58
C PHE A 78 14.44 11.78 -0.08
N SER A 79 13.26 11.34 0.37
CA SER A 79 13.06 10.97 1.76
C SER A 79 11.97 9.91 1.90
N PHE A 80 12.04 9.14 2.97
CA PHE A 80 10.94 8.27 3.40
C PHE A 80 10.07 9.11 4.34
N GLN A 81 8.77 9.17 4.12
CA GLN A 81 7.86 9.79 5.07
C GLN A 81 7.07 8.71 5.80
N VAL A 82 7.30 8.61 7.10
CA VAL A 82 6.73 7.58 7.94
C VAL A 82 5.61 8.19 8.75
N ALA A 83 4.42 7.63 8.60
CA ALA A 83 3.22 8.12 9.27
C ALA A 83 3.15 7.51 10.66
N THR A 84 2.99 8.35 11.69
CA THR A 84 2.91 7.83 13.06
C THR A 84 1.53 8.12 13.67
N ASP A 85 1.06 7.25 14.57
CA ASP A 85 -0.27 7.43 15.15
C ASP A 85 -0.30 8.09 16.53
N ASP A 86 0.85 8.16 17.19
CA ASP A 86 0.91 8.85 18.49
C ASP A 86 2.29 9.38 18.82
N GLN A 87 2.42 10.07 19.97
CA GLN A 87 3.66 10.73 20.33
C GLN A 87 4.72 9.71 20.67
N ALA A 88 4.32 8.59 21.28
CA ALA A 88 5.25 7.56 21.68
C ALA A 88 6.01 7.01 20.47
N GLU A 89 5.30 6.66 19.40
CA GLU A 89 5.94 6.12 18.21
C GLU A 89 6.76 7.21 17.51
N THR A 90 6.22 8.43 17.49
CA THR A 90 6.93 9.59 16.93
C THR A 90 8.29 9.75 17.60
N ASP A 91 8.31 9.77 18.93
CA ASP A 91 9.56 9.94 19.65
C ASP A 91 10.51 8.77 19.43
N ARG A 92 9.97 7.56 19.44
CA ARG A 92 10.82 6.39 19.36
C ARG A 92 11.57 6.35 18.05
N LEU A 93 10.87 6.63 16.95
CA LEU A 93 11.44 6.53 15.63
C LEU A 93 12.41 7.67 15.34
N TRP A 94 12.00 8.87 15.71
CA TRP A 94 12.84 10.05 15.58
C TRP A 94 14.17 9.85 16.33
N ASN A 95 14.06 9.43 17.58
CA ASN A 95 15.24 9.24 18.40
C ASN A 95 16.14 8.13 17.86
N ALA A 96 15.54 7.07 17.34
CA ALA A 96 16.32 5.95 16.79
C ALA A 96 17.22 6.39 15.66
N ILE A 97 16.64 7.16 14.71
CA ILE A 97 17.37 7.62 13.53
C ILE A 97 18.44 8.63 13.95
N VAL A 98 18.06 9.57 14.78
CA VAL A 98 18.94 10.68 15.15
C VAL A 98 20.08 10.18 16.04
N ASP A 99 19.73 9.33 17.00
CA ASP A 99 20.74 8.88 17.94
C ASP A 99 21.80 8.00 17.31
N ASN A 100 21.43 7.16 16.35
CA ASN A 100 22.41 6.25 15.75
C ASN A 100 23.25 6.93 14.68
N GLY A 101 24.05 7.90 15.09
CA GLY A 101 24.93 8.60 14.17
C GLY A 101 24.20 9.50 13.18
N GLY A 102 22.97 9.85 13.49
CA GLY A 102 22.14 10.65 12.61
C GLY A 102 22.14 12.11 12.99
N GLU A 103 21.24 12.88 12.35
CA GLU A 103 21.06 14.32 12.61
C GLU A 103 19.58 14.70 12.71
N GLU A 104 19.29 15.65 13.59
CA GLU A 104 17.99 16.29 13.63
C GLU A 104 17.87 17.30 12.50
N SER A 105 16.66 17.47 12.00
CA SER A 105 16.35 18.56 11.06
C SER A 105 14.99 19.15 11.43
N ALA A 106 14.34 19.81 10.47
CA ALA A 106 13.15 20.62 10.71
C ALA A 106 11.83 19.92 10.32
N CYS A 107 10.75 20.25 11.03
CA CYS A 107 9.40 19.86 10.63
C CYS A 107 9.24 18.35 10.43
N GLY A 108 9.82 17.58 11.34
CA GLY A 108 9.73 16.13 11.27
C GLY A 108 10.81 15.45 10.44
N TRP A 109 11.60 16.24 9.72
CA TRP A 109 12.74 15.70 8.97
C TRP A 109 13.92 15.43 9.87
N CYS A 110 14.60 14.32 9.59
CA CYS A 110 15.86 13.96 10.20
C CYS A 110 16.67 13.13 9.20
N ARG A 111 17.87 12.75 9.59
CA ARG A 111 18.79 12.06 8.70
C ARG A 111 19.44 10.91 9.45
N ASP A 112 19.61 9.78 8.77
CA ASP A 112 20.25 8.63 9.40
C ASP A 112 21.78 8.68 9.23
N LYS A 113 22.42 7.67 9.82
CA LYS A 113 23.88 7.55 9.84
C LYS A 113 24.50 7.58 8.45
N TRP A 114 23.76 7.13 7.44
CA TRP A 114 24.26 6.98 6.07
C TRP A 114 23.81 8.15 5.20
N GLY A 115 23.19 9.14 5.84
CA GLY A 115 22.82 10.38 5.20
C GLY A 115 21.46 10.40 4.55
N ILE A 116 20.67 9.35 4.73
CA ILE A 116 19.35 9.26 4.09
C ILE A 116 18.35 10.03 4.92
N SER A 117 17.48 10.78 4.26
CA SER A 117 16.48 11.60 4.92
C SER A 117 15.22 10.80 5.26
N TRP A 118 14.77 10.95 6.50
CA TRP A 118 13.51 10.38 6.97
C TRP A 118 12.65 11.53 7.49
N GLN A 119 11.34 11.41 7.30
CA GLN A 119 10.36 12.28 7.94
C GLN A 119 9.52 11.42 8.88
N ILE A 120 9.46 11.79 10.15
CA ILE A 120 8.63 11.12 11.11
C ILE A 120 7.45 12.05 11.33
N THR A 121 6.35 11.73 10.63
CA THR A 121 5.25 12.66 10.39
C THR A 121 3.94 12.11 10.96
N PRO A 122 3.51 12.63 12.11
CA PRO A 122 2.23 12.20 12.67
C PRO A 122 1.08 12.34 11.66
N ARG A 123 0.22 11.33 11.54
CA ARG A 123 -0.93 11.44 10.64
C ARG A 123 -1.77 12.69 10.97
N VAL A 124 -1.81 13.06 12.25
CA VAL A 124 -2.50 14.28 12.72
C VAL A 124 -2.01 15.53 11.96
N LEU A 125 -0.70 15.62 11.73
CA LEU A 125 -0.10 16.73 11.03
C LEU A 125 -0.46 16.74 9.55
N SER A 126 -0.31 15.59 8.88
CA SER A 126 -0.60 15.50 7.45
C SER A 126 -2.04 15.87 7.12
N GLU A 127 -2.96 15.40 7.94
CA GLU A 127 -4.37 15.69 7.74
C GLU A 127 -4.70 17.15 8.01
N ALA A 128 -4.03 17.75 8.98
CA ALA A 128 -4.21 19.16 9.31
C ALA A 128 -3.84 20.07 8.14
N ILE A 129 -2.68 19.82 7.52
CA ILE A 129 -2.15 20.64 6.44
C ILE A 129 -2.93 20.53 5.13
N ALA A 130 -3.59 19.39 4.93
CA ALA A 130 -4.34 19.14 3.69
C ALA A 130 -5.83 19.42 3.86
N SER A 131 -6.21 19.97 5.02
CA SER A 131 -7.61 20.22 5.35
C SER A 131 -8.24 21.24 4.39
N PRO A 132 -9.51 21.03 4.03
CA PRO A 132 -10.25 22.02 3.23
C PRO A 132 -10.54 23.28 4.05
N ASP A 133 -10.55 23.14 5.38
CA ASP A 133 -10.49 24.30 6.27
C ASP A 133 -9.10 24.92 6.14
N ARG A 134 -8.95 25.82 5.17
CA ARG A 134 -7.63 26.34 4.88
C ARG A 134 -6.86 27.22 5.82
N ALA A 135 -7.59 27.99 6.63
CA ALA A 135 -6.97 28.82 7.66
C ALA A 135 -6.42 27.94 8.77
N ALA A 136 -7.18 26.90 9.14
CA ALA A 136 -6.75 25.93 10.14
C ALA A 136 -5.52 25.18 9.67
N ALA A 137 -5.48 24.87 8.38
CA ALA A 137 -4.36 24.17 7.77
C ALA A 137 -3.12 25.05 7.84
N ARG A 138 -3.33 26.33 7.60
CA ARG A 138 -2.25 27.30 7.67
C ARG A 138 -1.71 27.39 9.09
N ARG A 139 -2.59 27.44 10.10
CA ARG A 139 -2.13 27.52 11.49
C ARG A 139 -1.28 26.31 11.84
N ALA A 140 -1.70 25.13 11.40
CA ALA A 140 -0.95 23.90 11.65
C ALA A 140 0.41 23.96 10.98
N PHE A 141 0.43 24.41 9.72
CA PHE A 141 1.66 24.56 8.94
C PHE A 141 2.63 25.50 9.63
N GLU A 142 2.13 26.66 10.06
CA GLU A 142 2.95 27.63 10.77
C GLU A 142 3.46 27.09 12.10
N ALA A 143 2.68 26.26 12.79
CA ALA A 143 3.13 25.67 14.05
C ALA A 143 4.24 24.62 13.80
N MSE A 144 4.06 23.81 12.77
CA MSE A 144 5.06 22.81 12.36
C MSE A 144 6.43 23.47 12.08
O MSE A 144 7.48 22.89 12.37
CB MSE A 144 4.51 22.05 11.15
CG MSE A 144 5.43 21.02 10.52
SE MSE A 144 4.95 20.78 8.67
CE MSE A 144 5.59 22.49 8.04
N MSE A 145 6.40 24.68 11.54
CA MSE A 145 7.63 25.43 11.21
C MSE A 145 8.51 25.73 12.44
O MSE A 145 9.70 26.01 12.29
CB MSE A 145 7.29 26.75 10.50
CG MSE A 145 6.86 26.59 9.05
SE MSE A 145 8.17 25.76 7.92
CE MSE A 145 9.59 27.12 7.98
N THR A 146 7.93 25.67 13.64
CA THR A 146 8.65 25.92 14.91
C THR A 146 9.24 24.66 15.55
N MSE A 147 9.14 23.52 14.88
CA MSE A 147 9.49 22.21 15.46
C MSE A 147 10.62 21.50 14.72
O MSE A 147 10.79 21.70 13.53
CB MSE A 147 8.27 21.30 15.41
CG MSE A 147 7.09 21.83 16.20
SE MSE A 147 5.50 20.77 15.88
CE MSE A 147 4.26 21.80 16.99
N GLY A 148 11.38 20.68 15.44
CA GLY A 148 12.16 19.61 14.82
C GLY A 148 11.33 18.34 14.87
N ARG A 149 11.50 17.57 15.93
CA ARG A 149 10.59 16.47 16.25
C ARG A 149 9.18 17.05 16.43
N ILE A 150 8.17 16.40 15.86
CA ILE A 150 6.81 16.93 15.89
C ILE A 150 6.15 16.64 17.23
N ASP A 151 5.63 17.69 17.87
CA ASP A 151 4.79 17.54 19.05
C ASP A 151 3.32 17.63 18.64
N ILE A 152 2.65 16.50 18.71
CA ILE A 152 1.30 16.35 18.18
C ILE A 152 0.27 17.25 18.89
N ALA A 153 0.37 17.35 20.20
CA ALA A 153 -0.57 18.16 20.98
C ALA A 153 -0.54 19.63 20.56
N THR A 154 0.65 20.13 20.25
CA THR A 154 0.81 21.54 19.85
C THR A 154 0.20 21.76 18.48
N ILE A 155 0.38 20.79 17.57
CA ILE A 155 -0.24 20.86 16.26
C ILE A 155 -1.75 20.93 16.39
N GLU A 156 -2.31 20.12 17.28
CA GLU A 156 -3.75 20.04 17.44
C GLU A 156 -4.32 21.35 17.98
N LYS A 157 -3.56 22.01 18.85
CA LYS A 157 -3.98 23.28 19.47
C LYS A 157 -3.96 24.40 18.43
N ALA A 158 -2.92 24.42 17.60
CA ALA A 158 -2.81 25.42 16.54
C ALA A 158 -3.93 25.24 15.53
N PHE A 159 -4.20 23.99 15.16
CA PHE A 159 -5.24 23.67 14.19
C PHE A 159 -6.61 24.12 14.69
N LYS A 160 -6.87 23.86 15.97
CA LYS A 160 -8.13 24.23 16.60
C LYS A 160 -8.25 25.74 16.68
N SER B 5 -11.32 8.29 1.87
CA SER B 5 -10.61 7.44 0.90
C SER B 5 -11.53 7.13 -0.27
N LYS B 6 -10.94 6.90 -1.44
CA LYS B 6 -11.72 6.64 -2.65
C LYS B 6 -12.52 5.36 -2.53
N ASN B 7 -11.90 4.35 -1.95
CA ASN B 7 -12.51 3.02 -1.78
C ASN B 7 -12.28 2.56 -0.35
N THR B 8 -13.37 2.29 0.34
CA THR B 8 -13.38 1.97 1.75
C THR B 8 -14.02 0.59 1.93
N ILE B 9 -13.43 -0.24 2.79
CA ILE B 9 -13.95 -1.58 3.06
C ILE B 9 -15.06 -1.39 4.09
N CYS B 10 -16.29 -1.76 3.73
CA CYS B 10 -17.45 -1.60 4.63
C CYS B 10 -17.88 -2.96 5.17
N LEU B 11 -17.89 -3.09 6.49
CA LEU B 11 -18.20 -4.34 7.15
C LEU B 11 -19.43 -4.15 8.00
N TRP B 12 -20.33 -5.13 7.94
CA TRP B 12 -21.65 -5.06 8.58
C TRP B 12 -21.55 -5.61 9.99
N TYR B 13 -22.13 -4.88 10.93
CA TYR B 13 -22.24 -5.30 12.33
C TYR B 13 -23.68 -5.17 12.81
N ASP B 14 -24.01 -5.94 13.84
CA ASP B 14 -25.27 -5.81 14.56
C ASP B 14 -25.01 -4.99 15.85
N SER B 15 -25.10 -3.68 15.74
CA SER B 15 -24.93 -2.77 16.86
C SER B 15 -23.62 -2.97 17.62
N ALA B 16 -22.54 -3.27 16.91
CA ALA B 16 -21.24 -3.47 17.52
C ALA B 16 -20.07 -2.85 16.74
N ALA B 17 -20.35 -1.99 15.77
CA ALA B 17 -19.27 -1.40 14.95
C ALA B 17 -18.20 -0.70 15.79
N LEU B 18 -18.61 0.11 16.76
CA LEU B 18 -17.62 0.82 17.60
C LEU B 18 -16.80 -0.15 18.47
N GLU B 19 -17.44 -1.16 19.04
CA GLU B 19 -16.74 -2.17 19.84
C GLU B 19 -15.67 -2.88 19.00
N ALA B 20 -16.06 -3.29 17.80
CA ALA B 20 -15.17 -4.03 16.91
C ALA B 20 -13.97 -3.17 16.51
N ALA B 21 -14.24 -1.96 16.03
CA ALA B 21 -13.20 -1.02 15.61
C ALA B 21 -12.19 -0.74 16.74
N THR B 22 -12.71 -0.54 17.94
CA THR B 22 -11.88 -0.34 19.12
C THR B 22 -10.97 -1.56 19.41
N PHE B 23 -11.52 -2.76 19.28
CA PHE B 23 -10.74 -3.98 19.44
C PHE B 23 -9.66 -4.07 18.37
N TYR B 24 -10.00 -3.78 17.11
CA TYR B 24 -9.00 -3.89 16.06
C TYR B 24 -7.86 -2.90 16.32
N ALA B 25 -8.23 -1.70 16.77
CA ALA B 25 -7.25 -0.64 16.98
C ALA B 25 -6.26 -0.96 18.10
N GLU B 26 -6.68 -1.75 19.11
CA GLU B 26 -5.80 -2.13 20.22
C GLU B 26 -5.05 -3.43 19.97
N THR B 27 -5.38 -4.09 18.85
CA THR B 27 -4.89 -5.43 18.57
C THR B 27 -3.85 -5.38 17.46
N PHE B 28 -4.18 -4.72 16.35
CA PHE B 28 -3.31 -4.74 15.21
C PHE B 28 -2.42 -3.50 15.20
N PRO B 29 -1.22 -3.62 14.64
CA PRO B 29 -0.35 -2.46 14.52
C PRO B 29 -0.91 -1.46 13.55
N ASP B 30 -0.49 -0.21 13.66
CA ASP B 30 -0.90 0.84 12.74
C ASP B 30 -2.39 0.85 12.46
N SER B 31 -3.19 0.74 13.52
CA SER B 31 -4.64 0.73 13.38
C SER B 31 -5.30 1.69 14.35
N ALA B 32 -6.42 2.26 13.94
CA ALA B 32 -7.05 3.32 14.72
C ALA B 32 -8.51 3.56 14.36
N VAL B 33 -9.26 3.98 15.37
CA VAL B 33 -10.61 4.46 15.18
C VAL B 33 -10.52 5.94 14.85
N LEU B 34 -11.17 6.34 13.76
CA LEU B 34 -11.00 7.68 13.20
C LEU B 34 -12.19 8.61 13.42
N ALA B 35 -13.41 8.08 13.38
CA ALA B 35 -14.61 8.92 13.52
C ALA B 35 -15.82 8.06 13.80
N VAL B 36 -16.75 8.62 14.56
CA VAL B 36 -18.00 7.94 14.89
C VAL B 36 -19.11 8.82 14.37
N HIS B 37 -20.03 8.24 13.59
CA HIS B 37 -21.14 8.98 13.00
C HIS B 37 -22.45 8.42 13.50
N ARG B 38 -23.26 9.30 14.09
CA ARG B 38 -24.51 8.90 14.70
C ARG B 38 -25.64 9.04 13.69
N ALA B 39 -26.68 8.23 13.86
CA ALA B 39 -27.80 8.18 12.92
C ALA B 39 -28.62 9.45 13.05
N PRO B 40 -28.85 10.14 11.93
CA PRO B 40 -29.62 11.40 11.99
C PRO B 40 -31.11 11.17 12.17
N GLY B 41 -31.58 9.95 11.95
CA GLY B 41 -32.96 9.58 12.23
C GLY B 41 -33.11 8.10 12.50
N ASP B 42 -34.31 7.71 12.93
CA ASP B 42 -34.64 6.30 13.14
C ASP B 42 -34.51 5.51 11.84
N TYR B 43 -34.05 4.27 11.97
CA TYR B 43 -33.92 3.40 10.82
C TYR B 43 -34.19 1.96 11.27
N PRO B 44 -34.22 1.01 10.33
CA PRO B 44 -34.56 -0.38 10.67
C PRO B 44 -33.84 -0.97 11.89
N SER B 45 -32.57 -0.64 12.12
CA SER B 45 -31.79 -1.25 13.21
C SER B 45 -31.08 -0.22 14.10
N GLY B 46 -31.70 0.95 14.26
CA GLY B 46 -31.18 1.94 15.17
C GLY B 46 -32.14 3.10 15.37
N LYS B 47 -32.04 3.73 16.53
CA LYS B 47 -32.71 4.99 16.78
C LYS B 47 -31.83 6.15 16.38
N GLU B 48 -32.45 7.31 16.16
CA GLU B 48 -31.72 8.55 16.03
C GLU B 48 -30.74 8.69 17.19
N GLY B 49 -29.49 9.00 16.87
CA GLY B 49 -28.45 9.25 17.85
C GLY B 49 -27.61 8.03 18.18
N ASP B 50 -28.06 6.85 17.75
CA ASP B 50 -27.27 5.62 17.87
C ASP B 50 -26.11 5.68 16.88
N VAL B 51 -25.06 4.93 17.16
CA VAL B 51 -23.92 4.84 16.26
C VAL B 51 -24.38 4.16 14.96
N LEU B 52 -24.21 4.87 13.84
CA LEU B 52 -24.60 4.37 12.54
C LEU B 52 -23.39 3.79 11.83
N THR B 53 -22.34 4.59 11.68
CA THR B 53 -21.08 4.10 11.13
C THR B 53 -19.89 4.53 11.97
N VAL B 54 -18.81 3.77 11.84
CA VAL B 54 -17.54 4.10 12.45
C VAL B 54 -16.44 3.99 11.37
N GLU B 55 -15.70 5.08 11.14
CA GLU B 55 -14.52 5.05 10.27
C GLU B 55 -13.32 4.54 11.07
N PHE B 56 -12.60 3.57 10.53
CA PHE B 56 -11.39 3.09 11.16
C PHE B 56 -10.39 2.65 10.12
N ARG B 57 -9.14 2.43 10.53
CA ARG B 57 -8.09 2.01 9.61
C ARG B 57 -7.39 0.83 10.23
N VAL B 58 -7.19 -0.22 9.45
CA VAL B 58 -6.41 -1.38 9.91
C VAL B 58 -5.25 -1.64 8.97
N MSE B 59 -4.04 -1.35 9.41
CA MSE B 59 -2.85 -1.72 8.68
C MSE B 59 -2.89 -1.28 7.22
O MSE B 59 -2.64 -2.06 6.31
CB MSE B 59 -2.63 -3.23 8.78
CG MSE B 59 -2.28 -3.68 10.17
SE MSE B 59 -2.34 -5.59 10.41
CE MSE B 59 -4.26 -5.88 10.41
N GLY B 60 -3.23 -0.01 7.01
CA GLY B 60 -3.16 0.55 5.68
C GLY B 60 -4.47 0.55 4.94
N ILE B 61 -5.48 -0.12 5.49
CA ILE B 61 -6.77 -0.25 4.82
C ILE B 61 -7.84 0.63 5.46
N PRO B 62 -8.46 1.52 4.70
CA PRO B 62 -9.54 2.35 5.23
C PRO B 62 -10.81 1.52 5.28
N CYS B 63 -11.49 1.58 6.43
CA CYS B 63 -12.67 0.77 6.68
C CYS B 63 -13.80 1.60 7.25
N LEU B 64 -15.01 1.05 7.13
CA LEU B 64 -16.21 1.59 7.73
C LEU B 64 -16.96 0.42 8.36
N GLY B 65 -17.28 0.54 9.65
CA GLY B 65 -18.17 -0.41 10.32
C GLY B 65 -19.57 0.16 10.29
N LEU B 66 -20.51 -0.62 9.78
CA LEU B 66 -21.88 -0.17 9.60
C LEU B 66 -22.78 -0.95 10.54
N ASN B 67 -23.48 -0.25 11.43
CA ASN B 67 -24.48 -0.87 12.29
C ASN B 67 -25.80 -1.10 11.55
N GLY B 68 -25.87 -2.24 10.88
CA GLY B 68 -27.01 -2.56 10.07
C GLY B 68 -27.97 -3.57 10.65
N GLY B 69 -27.74 -4.05 11.87
CA GLY B 69 -28.58 -5.06 12.48
C GLY B 69 -28.23 -6.47 12.04
N PRO B 70 -29.06 -7.44 12.41
CA PRO B 70 -28.79 -8.85 12.10
C PRO B 70 -29.15 -9.33 10.68
N ALA B 71 -29.37 -8.43 9.71
CA ALA B 71 -29.90 -8.83 8.40
C ALA B 71 -28.94 -9.72 7.62
N PHE B 72 -27.66 -9.45 7.77
CA PHE B 72 -26.64 -10.17 7.01
C PHE B 72 -25.56 -10.71 7.93
N ARG B 73 -25.02 -11.87 7.54
CA ARG B 73 -23.98 -12.58 8.25
C ARG B 73 -22.71 -12.66 7.39
N HIS B 74 -21.58 -12.63 8.08
CA HIS B 74 -20.27 -12.82 7.45
C HIS B 74 -20.00 -14.29 7.09
N SER B 75 -19.12 -14.47 6.11
CA SER B 75 -18.53 -15.78 5.82
C SER B 75 -17.17 -15.60 5.19
N GLU B 76 -16.52 -16.72 4.91
CA GLU B 76 -15.16 -16.76 4.39
C GLU B 76 -15.05 -16.22 2.95
N ALA B 77 -16.18 -15.88 2.33
CA ALA B 77 -16.16 -15.20 1.03
C ALA B 77 -15.29 -13.95 1.09
N PHE B 78 -15.26 -13.30 2.26
CA PHE B 78 -14.38 -12.17 2.55
C PHE B 78 -13.48 -12.50 3.72
N SER B 79 -12.22 -12.08 3.64
CA SER B 79 -11.32 -12.13 4.79
C SER B 79 -10.23 -11.10 4.63
N PHE B 80 -9.66 -10.69 5.76
CA PHE B 80 -8.42 -9.91 5.78
C PHE B 80 -7.27 -10.91 5.90
N GLN B 81 -6.26 -10.80 5.05
CA GLN B 81 -5.03 -11.58 5.19
C GLN B 81 -3.92 -10.67 5.72
N VAL B 82 -3.48 -10.98 6.93
CA VAL B 82 -2.47 -10.20 7.63
C VAL B 82 -1.12 -10.93 7.54
N ALA B 83 -0.14 -10.25 6.96
CA ALA B 83 1.20 -10.79 6.78
C ALA B 83 2.00 -10.58 8.08
N THR B 84 2.49 -11.66 8.66
CA THR B 84 3.26 -11.56 9.90
C THR B 84 4.74 -11.91 9.71
N ASP B 85 5.58 -11.34 10.57
CA ASP B 85 7.02 -11.32 10.35
C ASP B 85 7.77 -12.40 11.14
N ASP B 86 7.14 -12.96 12.16
CA ASP B 86 7.74 -14.04 12.93
C ASP B 86 6.67 -14.75 13.74
N GLN B 87 7.08 -15.72 14.56
CA GLN B 87 6.14 -16.53 15.33
C GLN B 87 5.46 -15.71 16.42
N ALA B 88 6.21 -14.79 17.03
CA ALA B 88 5.68 -13.95 18.10
C ALA B 88 4.50 -13.10 17.65
N GLU B 89 4.62 -12.48 16.46
CA GLU B 89 3.54 -11.66 15.95
C GLU B 89 2.35 -12.53 15.55
N THR B 90 2.63 -13.66 14.92
CA THR B 90 1.62 -14.64 14.52
C THR B 90 0.79 -15.06 15.74
N ASP B 91 1.49 -15.48 16.80
CA ASP B 91 0.82 -15.94 18.00
C ASP B 91 0.00 -14.82 18.66
N ARG B 92 0.57 -13.62 18.69
CA ARG B 92 -0.08 -12.47 19.32
C ARG B 92 -1.41 -12.14 18.70
N LEU B 93 -1.41 -12.03 17.37
CA LEU B 93 -2.62 -11.66 16.66
C LEU B 93 -3.67 -12.76 16.63
N TRP B 94 -3.24 -13.99 16.41
CA TRP B 94 -4.12 -15.15 16.45
C TRP B 94 -4.78 -15.27 17.81
N ASN B 95 -3.97 -15.22 18.86
CA ASN B 95 -4.50 -15.34 20.21
C ASN B 95 -5.51 -14.25 20.51
N ALA B 96 -5.22 -13.03 20.08
CA ALA B 96 -6.10 -11.92 20.36
C ALA B 96 -7.46 -12.13 19.72
N ILE B 97 -7.47 -12.47 18.44
CA ILE B 97 -8.73 -12.65 17.72
C ILE B 97 -9.54 -13.81 18.30
N VAL B 98 -8.88 -14.94 18.52
CA VAL B 98 -9.53 -16.15 18.98
C VAL B 98 -10.01 -16.01 20.43
N ASP B 99 -9.20 -15.35 21.25
CA ASP B 99 -9.46 -15.28 22.69
C ASP B 99 -10.57 -14.31 23.03
N ASN B 100 -10.81 -13.31 22.19
CA ASN B 100 -11.91 -12.38 22.41
C ASN B 100 -13.22 -12.89 21.79
N GLY B 101 -13.74 -14.00 22.29
CA GLY B 101 -15.01 -14.52 21.81
C GLY B 101 -14.96 -14.99 20.36
N GLY B 102 -13.76 -15.30 19.88
CA GLY B 102 -13.54 -15.72 18.50
C GLY B 102 -13.46 -17.23 18.34
N GLU B 103 -13.08 -17.66 17.13
CA GLU B 103 -12.95 -19.08 16.79
C GLU B 103 -11.68 -19.37 16.00
N GLU B 104 -11.07 -20.52 16.26
CA GLU B 104 -9.99 -21.03 15.43
C GLU B 104 -10.55 -21.67 14.18
N SER B 105 -9.77 -21.58 13.08
CA SER B 105 -10.08 -22.31 11.87
C SER B 105 -8.77 -22.86 11.29
N ALA B 106 -8.73 -23.15 9.99
CA ALA B 106 -7.64 -23.90 9.38
C ALA B 106 -6.62 -23.04 8.62
N CYS B 107 -5.37 -23.47 8.56
CA CYS B 107 -4.37 -22.87 7.69
C CYS B 107 -4.21 -21.36 7.89
N GLY B 108 -4.19 -20.93 9.14
CA GLY B 108 -4.05 -19.51 9.46
C GLY B 108 -5.35 -18.73 9.52
N TRP B 109 -6.46 -19.33 9.12
CA TRP B 109 -7.76 -18.67 9.20
C TRP B 109 -8.33 -18.75 10.61
N CYS B 110 -8.93 -17.66 11.06
CA CYS B 110 -9.66 -17.61 12.31
C CYS B 110 -10.83 -16.63 12.13
N ARG B 111 -11.63 -16.46 13.18
CA ARG B 111 -12.83 -15.67 13.10
C ARG B 111 -12.95 -14.82 14.35
N ASP B 112 -13.26 -13.53 14.20
CA ASP B 112 -13.41 -12.69 15.39
C ASP B 112 -14.82 -12.83 15.94
N LYS B 113 -15.10 -12.16 17.05
CA LYS B 113 -16.38 -12.35 17.71
C LYS B 113 -17.58 -11.83 16.94
N TRP B 114 -17.34 -10.99 15.93
CA TRP B 114 -18.39 -10.44 15.06
C TRP B 114 -18.53 -11.27 13.78
N GLY B 115 -17.77 -12.34 13.69
CA GLY B 115 -17.88 -13.32 12.62
C GLY B 115 -17.00 -13.04 11.43
N ILE B 116 -16.16 -12.02 11.51
CA ILE B 116 -15.28 -11.67 10.38
C ILE B 116 -14.08 -12.58 10.32
N SER B 117 -13.74 -13.03 9.12
CA SER B 117 -12.64 -13.95 8.92
C SER B 117 -11.32 -13.16 8.78
N TRP B 118 -10.31 -13.62 9.51
CA TRP B 118 -8.96 -13.11 9.46
C TRP B 118 -8.03 -14.27 9.16
N GLN B 119 -7.04 -14.03 8.30
CA GLN B 119 -5.95 -14.96 8.09
C GLN B 119 -4.70 -14.34 8.69
N ILE B 120 -4.09 -15.02 9.65
CA ILE B 120 -2.83 -14.62 10.22
C ILE B 120 -1.78 -15.49 9.56
N THR B 121 -1.15 -14.90 8.55
CA THR B 121 -0.37 -15.63 7.55
C THR B 121 1.09 -15.18 7.54
N PRO B 122 2.00 -15.97 8.09
CA PRO B 122 3.42 -15.62 8.03
C PRO B 122 3.90 -15.39 6.60
N ARG B 123 4.72 -14.36 6.41
CA ARG B 123 5.28 -14.07 5.11
C ARG B 123 6.07 -15.27 4.60
N VAL B 124 6.73 -15.96 5.52
CA VAL B 124 7.44 -17.21 5.24
C VAL B 124 6.53 -18.24 4.52
N LEU B 125 5.28 -18.36 4.98
CA LEU B 125 4.33 -19.29 4.39
C LEU B 125 3.91 -18.83 2.99
N SER B 126 3.56 -17.55 2.85
CA SER B 126 3.12 -17.03 1.56
C SER B 126 4.22 -17.16 0.51
N GLU B 127 5.45 -16.86 0.92
CA GLU B 127 6.60 -16.93 0.05
C GLU B 127 6.90 -18.38 -0.35
N ALA B 128 6.69 -19.30 0.57
CA ALA B 128 6.90 -20.73 0.31
C ALA B 128 5.92 -21.27 -0.73
N ILE B 129 4.66 -20.90 -0.59
CA ILE B 129 3.57 -21.39 -1.44
C ILE B 129 3.63 -20.87 -2.89
N ALA B 130 4.17 -19.67 -3.07
CA ALA B 130 4.25 -19.06 -4.40
C ALA B 130 5.63 -19.24 -5.04
N SER B 131 6.43 -20.14 -4.46
CA SER B 131 7.83 -20.33 -4.88
C SER B 131 7.93 -20.94 -6.27
N PRO B 132 8.97 -20.56 -7.03
CA PRO B 132 9.22 -21.16 -8.34
C PRO B 132 9.64 -22.63 -8.20
N ASP B 133 10.19 -22.98 -7.04
CA ASP B 133 10.40 -24.37 -6.66
C ASP B 133 9.05 -25.01 -6.38
N ARG B 134 8.42 -25.53 -7.43
CA ARG B 134 7.02 -25.93 -7.40
C ARG B 134 6.74 -27.14 -6.51
N ALA B 135 7.69 -28.07 -6.40
CA ALA B 135 7.54 -29.21 -5.49
C ALA B 135 7.68 -28.77 -4.03
N ALA B 136 8.60 -27.85 -3.78
CA ALA B 136 8.81 -27.30 -2.44
C ALA B 136 7.59 -26.50 -1.99
N ALA B 137 6.95 -25.83 -2.94
CA ALA B 137 5.75 -25.03 -2.65
C ALA B 137 4.60 -25.94 -2.25
N ARG B 138 4.46 -27.05 -2.98
CA ARG B 138 3.49 -28.09 -2.66
C ARG B 138 3.75 -28.67 -1.27
N ARG B 139 5.01 -28.89 -0.92
CA ARG B 139 5.33 -29.47 0.39
C ARG B 139 4.87 -28.52 1.48
N ALA B 140 5.12 -27.23 1.30
CA ALA B 140 4.68 -26.24 2.27
C ALA B 140 3.17 -26.20 2.37
N PHE B 141 2.49 -26.28 1.22
CA PHE B 141 1.03 -26.23 1.15
C PHE B 141 0.46 -27.41 1.92
N GLU B 142 1.04 -28.58 1.70
CA GLU B 142 0.58 -29.78 2.37
C GLU B 142 0.80 -29.70 3.88
N ALA B 143 1.90 -29.07 4.30
CA ALA B 143 2.18 -28.89 5.72
C ALA B 143 1.16 -27.93 6.38
N MSE B 144 0.87 -26.84 5.69
CA MSE B 144 -0.11 -25.84 6.14
C MSE B 144 -1.48 -26.50 6.44
O MSE B 144 -2.18 -26.12 7.38
CB MSE B 144 -0.20 -24.76 5.07
CG MSE B 144 -1.14 -23.62 5.32
SE MSE B 144 -1.61 -22.77 3.65
CE MSE B 144 -2.69 -24.28 2.92
N MSE B 145 -1.82 -27.49 5.63
CA MSE B 145 -3.10 -28.21 5.75
C MSE B 145 -3.28 -28.92 7.09
O MSE B 145 -4.40 -29.25 7.46
CB MSE B 145 -3.25 -29.23 4.61
CG MSE B 145 -3.55 -28.60 3.24
SE MSE B 145 -5.16 -27.59 3.15
CE MSE B 145 -6.48 -29.05 3.44
N THR B 146 -2.18 -29.17 7.80
CA THR B 146 -2.21 -29.82 9.12
C THR B 146 -2.29 -28.85 10.30
N MSE B 147 -2.40 -27.55 10.03
CA MSE B 147 -2.34 -26.53 11.08
C MSE B 147 -3.62 -25.72 11.22
O MSE B 147 -4.40 -25.59 10.28
CB MSE B 147 -1.20 -25.56 10.81
CG MSE B 147 0.11 -26.21 10.48
SE MSE B 147 1.45 -24.98 9.86
CE MSE B 147 2.92 -26.31 9.88
N GLY B 148 -3.82 -25.18 12.42
CA GLY B 148 -4.73 -24.07 12.64
C GLY B 148 -3.87 -22.82 12.60
N ARG B 149 -3.41 -22.40 13.77
CA ARG B 149 -2.36 -21.38 13.85
C ARG B 149 -1.10 -21.88 13.15
N ILE B 150 -0.47 -21.02 12.37
CA ILE B 150 0.70 -21.41 11.58
C ILE B 150 1.96 -21.50 12.43
N ASP B 151 2.64 -22.64 12.37
CA ASP B 151 3.97 -22.81 12.97
C ASP B 151 5.03 -22.65 11.88
N ILE B 152 5.73 -21.53 11.93
CA ILE B 152 6.68 -21.14 10.90
C ILE B 152 7.81 -22.17 10.71
N ALA B 153 8.35 -22.65 11.83
CA ALA B 153 9.47 -23.61 11.82
C ALA B 153 9.10 -24.87 11.04
N THR B 154 7.88 -25.36 11.25
CA THR B 154 7.41 -26.56 10.59
C THR B 154 7.25 -26.34 9.09
N ILE B 155 6.74 -25.16 8.72
CA ILE B 155 6.63 -24.78 7.31
C ILE B 155 8.00 -24.74 6.64
N GLU B 156 8.99 -24.24 7.35
CA GLU B 156 10.34 -24.10 6.81
C GLU B 156 10.97 -25.49 6.56
N LYS B 157 10.70 -26.43 7.46
CA LYS B 157 11.24 -27.79 7.36
C LYS B 157 10.60 -28.55 6.19
N ALA B 158 9.29 -28.40 6.05
CA ALA B 158 8.59 -29.00 4.93
C ALA B 158 9.08 -28.43 3.61
N PHE B 159 9.27 -27.11 3.56
CA PHE B 159 9.72 -26.43 2.36
C PHE B 159 11.13 -26.89 1.94
N LYS B 160 11.98 -27.11 2.93
CA LYS B 160 13.36 -27.55 2.72
C LYS B 160 13.39 -29.04 2.37
N SER C 5 -0.93 5.05 3.74
CA SER C 5 0.36 4.30 3.66
C SER C 5 1.30 4.64 4.84
N LYS C 6 1.80 3.61 5.49
CA LYS C 6 2.74 3.79 6.60
C LYS C 6 4.03 4.49 6.18
N ASN C 7 4.54 4.15 5.00
CA ASN C 7 5.83 4.64 4.55
C ASN C 7 5.63 5.08 3.10
N THR C 8 5.95 6.32 2.84
CA THR C 8 5.72 6.94 1.54
C THR C 8 7.05 7.47 1.01
N ILE C 9 7.30 7.27 -0.28
CA ILE C 9 8.49 7.81 -0.93
C ILE C 9 8.23 9.26 -1.33
N CYS C 10 9.02 10.17 -0.75
CA CYS C 10 8.86 11.59 -0.97
C CYS C 10 9.97 12.12 -1.88
N LEU C 11 9.55 12.69 -3.00
CA LEU C 11 10.47 13.19 -4.03
C LEU C 11 10.28 14.68 -4.25
N TRP C 12 11.41 15.41 -4.28
CA TRP C 12 11.43 16.85 -4.43
C TRP C 12 11.36 17.22 -5.90
N TYR C 13 10.49 18.18 -6.22
CA TYR C 13 10.42 18.76 -7.57
C TYR C 13 10.53 20.28 -7.50
N ASP C 14 11.02 20.85 -8.59
CA ASP C 14 10.97 22.28 -8.85
C ASP C 14 9.79 22.53 -9.81
N SER C 15 8.62 22.77 -9.24
CA SER C 15 7.45 23.18 -9.98
C SER C 15 7.01 22.19 -11.05
N ALA C 16 7.17 20.90 -10.81
CA ALA C 16 6.75 19.91 -11.80
C ALA C 16 6.25 18.59 -11.23
N ALA C 17 5.89 18.55 -9.94
CA ALA C 17 5.43 17.30 -9.36
C ALA C 17 4.24 16.67 -10.10
N LEU C 18 3.29 17.48 -10.54
CA LEU C 18 2.12 16.93 -11.21
C LEU C 18 2.48 16.41 -12.60
N GLU C 19 3.31 17.15 -13.34
CA GLU C 19 3.82 16.72 -14.65
C GLU C 19 4.53 15.37 -14.54
N ALA C 20 5.39 15.26 -13.54
CA ALA C 20 6.18 14.03 -13.33
C ALA C 20 5.25 12.87 -12.96
N ALA C 21 4.35 13.09 -12.02
CA ALA C 21 3.43 12.05 -11.56
C ALA C 21 2.57 11.56 -12.70
N THR C 22 2.14 12.50 -13.55
CA THR C 22 1.27 12.18 -14.67
C THR C 22 2.04 11.31 -15.71
N PHE C 23 3.26 11.71 -16.02
CA PHE C 23 4.15 10.91 -16.88
C PHE C 23 4.41 9.49 -16.34
N TYR C 24 4.70 9.37 -15.05
CA TYR C 24 4.90 8.04 -14.50
C TYR C 24 3.62 7.20 -14.59
N ALA C 25 2.47 7.82 -14.35
CA ALA C 25 1.20 7.09 -14.37
C ALA C 25 0.89 6.56 -15.78
N GLU C 26 1.29 7.32 -16.80
CA GLU C 26 1.05 6.91 -18.19
C GLU C 26 2.06 5.87 -18.68
N THR C 27 3.21 5.82 -18.04
CA THR C 27 4.36 5.06 -18.53
C THR C 27 4.45 3.65 -17.93
N PHE C 28 4.16 3.53 -16.64
CA PHE C 28 4.38 2.28 -15.90
C PHE C 28 3.06 1.67 -15.44
N PRO C 29 3.04 0.36 -15.28
CA PRO C 29 1.83 -0.33 -14.83
C PRO C 29 1.58 -0.06 -13.34
N ASP C 30 0.34 -0.27 -12.91
CA ASP C 30 -0.07 -0.06 -11.51
C ASP C 30 0.45 1.29 -10.98
N SER C 31 0.23 2.31 -11.78
CA SER C 31 0.67 3.66 -11.47
C SER C 31 -0.47 4.64 -11.74
N ALA C 32 -0.56 5.68 -10.92
CA ALA C 32 -1.71 6.59 -10.93
C ALA C 32 -1.42 7.86 -10.17
N VAL C 33 -2.06 8.95 -10.59
CA VAL C 33 -2.09 10.16 -9.79
C VAL C 33 -3.29 10.04 -8.83
N LEU C 34 -3.04 10.21 -7.54
CA LEU C 34 -4.04 9.93 -6.50
C LEU C 34 -4.72 11.18 -5.95
N ALA C 35 -3.95 12.23 -5.76
CA ALA C 35 -4.49 13.47 -5.20
C ALA C 35 -3.52 14.61 -5.42
N VAL C 36 -4.08 15.82 -5.45
CA VAL C 36 -3.32 17.02 -5.68
C VAL C 36 -3.71 17.99 -4.56
N HIS C 37 -2.73 18.59 -3.91
CA HIS C 37 -2.96 19.46 -2.76
C HIS C 37 -2.36 20.83 -3.01
N ARG C 38 -3.14 21.88 -2.74
CA ARG C 38 -2.65 23.26 -2.81
C ARG C 38 -2.04 23.66 -1.47
N ALA C 39 -1.25 24.71 -1.48
CA ALA C 39 -0.66 25.26 -0.26
C ALA C 39 -1.75 25.71 0.73
N PRO C 40 -1.54 25.52 2.03
CA PRO C 40 -2.52 25.95 3.06
C PRO C 40 -3.02 27.39 3.00
N GLY C 41 -2.35 28.28 2.27
CA GLY C 41 -2.75 29.67 2.18
C GLY C 41 -4.24 29.92 2.32
N ASP C 50 0.98 26.73 -7.83
CA ASP C 50 -0.29 26.49 -7.17
C ASP C 50 -0.26 25.12 -6.45
N VAL C 51 -0.03 24.03 -7.20
CA VAL C 51 0.10 22.70 -6.59
C VAL C 51 1.32 22.64 -5.64
N LEU C 52 1.09 22.33 -4.35
CA LEU C 52 2.18 22.15 -3.38
C LEU C 52 2.65 20.70 -3.32
N THR C 53 1.72 19.75 -3.22
CA THR C 53 2.08 18.34 -3.26
C THR C 53 1.14 17.53 -4.13
N VAL C 54 1.66 16.40 -4.57
CA VAL C 54 0.91 15.43 -5.35
C VAL C 54 1.14 14.04 -4.74
N GLU C 55 0.06 13.33 -4.46
CA GLU C 55 0.12 11.93 -4.09
C GLU C 55 -0.02 11.10 -5.35
N PHE C 56 0.85 10.11 -5.50
CA PHE C 56 0.86 9.27 -6.69
C PHE C 56 1.41 7.89 -6.38
N ARG C 57 1.13 6.94 -7.27
CA ARG C 57 1.62 5.58 -7.13
C ARG C 57 2.50 5.24 -8.33
N VAL C 58 3.62 4.59 -8.08
CA VAL C 58 4.51 4.13 -9.15
C VAL C 58 4.77 2.63 -8.97
N MSE C 59 4.14 1.81 -9.82
CA MSE C 59 4.25 0.36 -9.76
C MSE C 59 4.08 -0.12 -8.33
O MSE C 59 4.93 -0.84 -7.79
CB MSE C 59 5.57 -0.10 -10.36
CG MSE C 59 5.55 0.04 -11.88
SE MSE C 59 7.28 -0.19 -12.75
CE MSE C 59 8.09 1.59 -12.37
N GLY C 60 2.99 0.34 -7.72
CA GLY C 60 2.60 -0.08 -6.40
C GLY C 60 3.08 0.81 -5.29
N ILE C 61 4.20 1.50 -5.51
CA ILE C 61 4.87 2.27 -4.45
C ILE C 61 4.14 3.59 -4.22
N PRO C 62 3.70 3.86 -3.00
CA PRO C 62 3.05 5.14 -2.69
C PRO C 62 4.08 6.25 -2.59
N CYS C 63 3.84 7.32 -3.34
CA CYS C 63 4.75 8.45 -3.44
C CYS C 63 4.08 9.78 -3.15
N LEU C 64 4.91 10.74 -2.75
CA LEU C 64 4.52 12.13 -2.55
C LEU C 64 5.52 12.99 -3.30
N GLY C 65 5.06 13.84 -4.20
CA GLY C 65 5.90 14.80 -4.88
C GLY C 65 5.70 16.18 -4.28
N LEU C 66 6.79 16.85 -3.92
CA LEU C 66 6.73 18.16 -3.28
C LEU C 66 7.27 19.20 -4.24
N ASN C 67 6.48 20.24 -4.50
CA ASN C 67 6.95 21.38 -5.28
C ASN C 67 7.60 22.37 -4.33
N GLY C 68 8.92 22.29 -4.21
CA GLY C 68 9.68 23.09 -3.28
C GLY C 68 10.76 23.96 -3.88
N GLY C 69 10.70 24.21 -5.18
CA GLY C 69 11.72 25.01 -5.84
C GLY C 69 13.02 24.26 -6.05
N PRO C 70 14.05 24.94 -6.58
CA PRO C 70 15.30 24.28 -6.96
C PRO C 70 16.30 23.92 -5.84
N ALA C 71 15.95 24.12 -4.55
CA ALA C 71 16.92 23.95 -3.46
C ALA C 71 17.66 22.62 -3.43
N PHE C 72 16.95 21.54 -3.77
CA PHE C 72 17.51 20.21 -3.70
C PHE C 72 17.56 19.58 -5.09
N ARG C 73 18.68 18.91 -5.36
CA ARG C 73 18.93 18.23 -6.63
C ARG C 73 18.99 16.72 -6.40
N HIS C 74 18.36 15.98 -7.30
CA HIS C 74 18.45 14.50 -7.28
C HIS C 74 19.85 14.01 -7.67
N SER C 75 20.19 12.83 -7.15
CA SER C 75 21.41 12.16 -7.55
C SER C 75 21.18 10.66 -7.51
N GLU C 76 22.16 9.93 -8.04
CA GLU C 76 22.12 8.49 -8.15
C GLU C 76 22.04 7.79 -6.80
N ALA C 77 22.21 8.54 -5.71
CA ALA C 77 22.08 7.99 -4.36
C ALA C 77 20.71 7.30 -4.16
N PHE C 78 19.68 7.83 -4.81
CA PHE C 78 18.35 7.21 -4.87
C PHE C 78 18.04 6.83 -6.32
N SER C 79 17.46 5.65 -6.51
CA SER C 79 16.92 5.28 -7.80
C SER C 79 15.76 4.30 -7.66
N PHE C 80 14.86 4.32 -8.63
CA PHE C 80 13.85 3.28 -8.75
C PHE C 80 14.43 2.19 -9.66
N GLN C 81 14.51 0.94 -9.19
CA GLN C 81 14.96 -0.18 -10.00
C GLN C 81 13.72 -0.95 -10.46
N VAL C 82 13.51 -0.93 -11.79
CA VAL C 82 12.35 -1.55 -12.43
C VAL C 82 12.73 -2.90 -13.05
N ALA C 83 12.05 -3.96 -12.63
CA ALA C 83 12.29 -5.31 -13.12
C ALA C 83 11.49 -5.51 -14.40
N THR C 84 12.18 -5.82 -15.49
CA THR C 84 11.50 -6.02 -16.78
C THR C 84 11.58 -7.45 -17.27
N ASP C 85 10.61 -7.81 -18.10
CA ASP C 85 10.38 -9.22 -18.42
C ASP C 85 10.97 -9.65 -19.76
N ASP C 86 11.22 -8.68 -20.65
CA ASP C 86 11.77 -8.99 -21.96
C ASP C 86 12.38 -7.72 -22.57
N GLN C 87 12.96 -7.85 -23.76
CA GLN C 87 13.62 -6.72 -24.39
C GLN C 87 12.62 -5.65 -24.81
N ALA C 88 11.43 -6.07 -25.23
CA ALA C 88 10.40 -5.15 -25.66
C ALA C 88 10.04 -4.20 -24.51
N GLU C 89 9.83 -4.75 -23.32
CA GLU C 89 9.51 -3.93 -22.14
C GLU C 89 10.72 -3.08 -21.72
N THR C 90 11.90 -3.66 -21.73
CA THR C 90 13.10 -2.94 -21.39
C THR C 90 13.24 -1.71 -22.30
N ASP C 91 13.05 -1.91 -23.60
CA ASP C 91 13.23 -0.82 -24.57
C ASP C 91 12.15 0.24 -24.43
N ARG C 92 10.93 -0.20 -24.17
CA ARG C 92 9.80 0.69 -24.05
C ARG C 92 10.01 1.67 -22.90
N LEU C 93 10.41 1.13 -21.75
CA LEU C 93 10.56 1.94 -20.55
C LEU C 93 11.82 2.81 -20.59
N TRP C 94 12.93 2.23 -21.03
CA TRP C 94 14.14 2.99 -21.28
C TRP C 94 13.91 4.17 -22.20
N ASN C 95 13.30 3.89 -23.34
CA ASN C 95 13.03 4.94 -24.32
C ASN C 95 12.12 6.01 -23.74
N ALA C 96 11.13 5.62 -22.93
CA ALA C 96 10.20 6.59 -22.36
C ALA C 96 10.97 7.58 -21.50
N ILE C 97 11.79 7.08 -20.59
CA ILE C 97 12.50 7.94 -19.64
C ILE C 97 13.55 8.82 -20.36
N VAL C 98 14.34 8.19 -21.21
CA VAL C 98 15.42 8.88 -21.93
C VAL C 98 14.90 9.89 -22.96
N ASP C 99 13.89 9.50 -23.73
CA ASP C 99 13.37 10.34 -24.79
C ASP C 99 12.56 11.54 -24.28
N ASN C 100 12.00 11.47 -23.07
CA ASN C 100 11.31 12.62 -22.49
C ASN C 100 12.28 13.54 -21.74
N GLY C 101 13.21 14.14 -22.47
CA GLY C 101 14.19 15.06 -21.92
C GLY C 101 15.09 14.44 -20.87
N GLY C 102 15.31 13.14 -20.97
CA GLY C 102 16.13 12.40 -20.03
C GLY C 102 17.51 12.11 -20.56
N GLU C 103 18.21 11.20 -19.89
CA GLU C 103 19.60 10.88 -20.22
C GLU C 103 19.90 9.39 -20.04
N GLU C 104 20.72 8.83 -20.92
CA GLU C 104 21.23 7.48 -20.82
C GLU C 104 22.43 7.44 -19.87
N SER C 105 22.54 6.38 -19.09
CA SER C 105 23.72 6.16 -18.26
C SER C 105 24.19 4.70 -18.43
N ALA C 106 25.00 4.22 -17.48
CA ALA C 106 25.62 2.90 -17.59
C ALA C 106 24.85 1.79 -16.92
N CYS C 107 24.99 0.57 -17.43
CA CYS C 107 24.51 -0.62 -16.74
C CYS C 107 23.02 -0.58 -16.40
N GLY C 108 22.22 -0.08 -17.32
CA GLY C 108 20.78 -0.03 -17.16
C GLY C 108 20.27 1.21 -16.44
N TRP C 109 21.16 2.09 -16.00
CA TRP C 109 20.74 3.32 -15.34
C TRP C 109 20.43 4.39 -16.38
N CYS C 110 19.41 5.21 -16.10
CA CYS C 110 19.10 6.38 -16.90
C CYS C 110 18.52 7.44 -15.95
N ARG C 111 18.20 8.62 -16.47
CA ARG C 111 17.74 9.74 -15.65
C ARG C 111 16.56 10.40 -16.35
N ASP C 112 15.50 10.72 -15.62
CA ASP C 112 14.35 11.39 -16.22
C ASP C 112 14.55 12.92 -16.26
N LYS C 113 13.58 13.61 -16.85
CA LYS C 113 13.58 15.05 -17.08
C LYS C 113 13.76 15.86 -15.81
N TRP C 114 13.35 15.28 -14.69
CA TRP C 114 13.33 15.93 -13.38
C TRP C 114 14.53 15.53 -12.56
N GLY C 115 15.43 14.78 -13.19
CA GLY C 115 16.70 14.38 -12.60
C GLY C 115 16.68 13.11 -11.77
N ILE C 116 15.55 12.40 -11.74
CA ILE C 116 15.43 11.18 -10.94
C ILE C 116 16.06 10.01 -11.68
N SER C 117 16.84 9.22 -10.95
CA SER C 117 17.51 8.05 -11.51
C SER C 117 16.57 6.85 -11.55
N TRP C 118 16.61 6.15 -12.69
CA TRP C 118 15.87 4.90 -12.91
C TRP C 118 16.84 3.84 -13.36
N GLN C 119 16.63 2.61 -12.92
CA GLN C 119 17.34 1.47 -13.48
C GLN C 119 16.32 0.60 -14.17
N ILE C 120 16.49 0.36 -15.45
CA ILE C 120 15.62 -0.54 -16.19
C ILE C 120 16.35 -1.86 -16.32
N THR C 121 16.02 -2.78 -15.41
CA THR C 121 16.86 -3.93 -15.13
C THR C 121 16.12 -5.21 -15.43
N PRO C 122 16.45 -5.88 -16.54
CA PRO C 122 15.83 -7.17 -16.82
C PRO C 122 15.98 -8.14 -15.64
N ARG C 123 14.90 -8.85 -15.34
CA ARG C 123 14.92 -9.87 -14.30
C ARG C 123 16.01 -10.89 -14.58
N VAL C 124 16.22 -11.23 -15.84
CA VAL C 124 17.25 -12.21 -16.17
C VAL C 124 18.64 -11.72 -15.77
N LEU C 125 18.88 -10.40 -15.84
CA LEU C 125 20.15 -9.84 -15.40
C LEU C 125 20.29 -9.94 -13.89
N SER C 126 19.24 -9.56 -13.15
CA SER C 126 19.28 -9.67 -11.70
C SER C 126 19.52 -11.12 -11.28
N GLU C 127 18.84 -12.05 -11.94
CA GLU C 127 18.98 -13.48 -11.63
C GLU C 127 20.40 -13.95 -11.91
N ALA C 128 20.96 -13.49 -13.02
CA ALA C 128 22.30 -13.90 -13.46
C ALA C 128 23.40 -13.44 -12.52
N ILE C 129 23.34 -12.18 -12.09
CA ILE C 129 24.35 -11.64 -11.19
C ILE C 129 24.28 -12.29 -9.81
N ALA C 130 23.10 -12.76 -9.42
CA ALA C 130 22.89 -13.34 -8.09
C ALA C 130 23.09 -14.86 -8.07
N SER C 131 23.38 -15.43 -9.24
CA SER C 131 23.43 -16.89 -9.44
C SER C 131 24.51 -17.58 -8.61
N PRO C 132 24.19 -18.75 -8.05
CA PRO C 132 25.18 -19.55 -7.31
C PRO C 132 26.27 -20.11 -8.22
N ASP C 133 26.03 -20.16 -9.52
CA ASP C 133 27.08 -20.40 -10.50
C ASP C 133 27.91 -19.11 -10.65
N ARG C 134 29.05 -19.07 -9.95
CA ARG C 134 29.90 -17.87 -9.85
C ARG C 134 30.55 -17.47 -11.18
N ALA C 135 31.00 -18.45 -11.95
CA ALA C 135 31.63 -18.18 -13.24
C ALA C 135 30.64 -17.52 -14.20
N ALA C 136 29.43 -18.08 -14.28
CA ALA C 136 28.37 -17.54 -15.14
C ALA C 136 27.94 -16.15 -14.67
N ALA C 137 27.77 -16.01 -13.37
CA ALA C 137 27.39 -14.75 -12.76
C ALA C 137 28.40 -13.67 -13.10
N ARG C 138 29.69 -14.01 -13.02
CA ARG C 138 30.73 -13.05 -13.30
C ARG C 138 30.75 -12.67 -14.79
N ARG C 139 30.50 -13.60 -15.69
CA ARG C 139 30.44 -13.28 -17.12
C ARG C 139 29.32 -12.28 -17.39
N ALA C 140 28.18 -12.49 -16.75
CA ALA C 140 27.04 -11.60 -16.92
C ALA C 140 27.32 -10.20 -16.34
N PHE C 141 27.96 -10.19 -15.17
CA PHE C 141 28.42 -8.97 -14.47
C PHE C 141 29.38 -8.15 -15.34
N GLU C 142 30.37 -8.82 -15.96
CA GLU C 142 31.30 -8.14 -16.85
C GLU C 142 30.64 -7.61 -18.12
N ALA C 143 29.72 -8.39 -18.68
CA ALA C 143 28.99 -7.99 -19.87
C ALA C 143 28.16 -6.73 -19.58
N MSE C 144 27.48 -6.74 -18.43
CA MSE C 144 26.66 -5.60 -17.97
C MSE C 144 27.46 -4.31 -17.93
O MSE C 144 26.96 -3.24 -18.26
CB MSE C 144 26.09 -5.90 -16.59
CG MSE C 144 25.16 -4.87 -16.03
SE MSE C 144 24.94 -5.09 -14.10
CE MSE C 144 26.72 -4.47 -13.55
N MSE C 145 28.72 -4.41 -17.50
CA MSE C 145 29.57 -3.22 -17.34
C MSE C 145 29.95 -2.53 -18.66
O MSE C 145 30.35 -1.37 -18.63
CB MSE C 145 30.79 -3.57 -16.47
CG MSE C 145 30.39 -3.83 -15.03
SE MSE C 145 31.79 -4.07 -13.70
CE MSE C 145 31.26 -2.62 -12.52
N THR C 146 29.78 -3.23 -19.78
CA THR C 146 30.02 -2.63 -21.11
C THR C 146 28.81 -1.90 -21.69
N MSE C 147 27.66 -2.00 -21.02
CA MSE C 147 26.38 -1.60 -21.59
C MSE C 147 25.88 -0.28 -21.05
O MSE C 147 26.25 0.12 -19.94
CB MSE C 147 25.32 -2.64 -21.26
CG MSE C 147 25.45 -3.92 -22.04
SE MSE C 147 24.29 -5.30 -21.37
CE MSE C 147 25.06 -6.83 -22.36
N GLY C 148 25.06 0.40 -21.85
CA GLY C 148 24.15 1.42 -21.35
C GLY C 148 22.82 0.74 -21.14
N ARG C 149 21.94 0.80 -22.13
CA ARG C 149 20.73 -0.01 -22.10
C ARG C 149 21.11 -1.48 -22.05
N ILE C 150 20.39 -2.27 -21.26
CA ILE C 150 20.72 -3.69 -21.13
C ILE C 150 20.20 -4.46 -22.33
N ASP C 151 21.08 -5.24 -22.95
CA ASP C 151 20.69 -6.16 -24.00
C ASP C 151 20.61 -7.55 -23.42
N ILE C 152 19.40 -8.06 -23.28
CA ILE C 152 19.14 -9.32 -22.63
C ILE C 152 19.84 -10.48 -23.35
N ALA C 153 19.77 -10.50 -24.68
CA ALA C 153 20.36 -11.62 -25.42
C ALA C 153 21.88 -11.67 -25.19
N THR C 154 22.51 -10.51 -25.10
CA THR C 154 23.95 -10.47 -24.85
C THR C 154 24.25 -10.97 -23.44
N ILE C 155 23.47 -10.53 -22.46
CA ILE C 155 23.59 -11.04 -21.09
C ILE C 155 23.38 -12.55 -21.05
N GLU C 156 22.37 -13.05 -21.77
CA GLU C 156 22.07 -14.48 -21.76
C GLU C 156 23.22 -15.27 -22.36
N LYS C 157 23.81 -14.75 -23.42
CA LYS C 157 24.92 -15.40 -24.13
C LYS C 157 26.15 -15.46 -23.24
N ALA C 158 26.46 -14.33 -22.60
CA ALA C 158 27.57 -14.24 -21.66
C ALA C 158 27.38 -15.21 -20.49
N PHE C 159 26.16 -15.32 -19.98
CA PHE C 159 25.89 -16.17 -18.83
C PHE C 159 26.07 -17.64 -19.21
N LYS C 160 25.66 -17.99 -20.43
CA LYS C 160 25.74 -19.36 -20.91
C LYS C 160 27.19 -19.71 -21.18
N SER D 5 2.04 -6.12 0.96
CA SER D 5 1.13 -5.37 1.84
C SER D 5 0.89 -6.11 3.15
N LYS D 6 0.85 -5.35 4.23
CA LYS D 6 0.64 -5.91 5.56
C LYS D 6 -0.74 -6.54 5.67
N ASN D 7 -1.75 -5.89 5.09
CA ASN D 7 -3.13 -6.34 5.18
C ASN D 7 -3.74 -6.32 3.79
N THR D 8 -4.23 -7.47 3.34
CA THR D 8 -4.74 -7.66 1.99
C THR D 8 -6.20 -8.11 2.06
N ILE D 9 -7.04 -7.53 1.23
CA ILE D 9 -8.42 -7.97 1.13
C ILE D 9 -8.54 -9.23 0.30
N CYS D 10 -9.01 -10.32 0.89
CA CYS D 10 -9.08 -11.61 0.22
C CYS D 10 -10.52 -11.95 -0.13
N LEU D 11 -10.78 -12.14 -1.41
CA LEU D 11 -12.14 -12.36 -1.92
C LEU D 11 -12.24 -13.72 -2.61
N TRP D 12 -13.27 -14.47 -2.26
CA TRP D 12 -13.52 -15.81 -2.82
C TRP D 12 -14.22 -15.70 -4.16
N TYR D 13 -13.70 -16.44 -5.14
CA TYR D 13 -14.36 -16.62 -6.44
C TYR D 13 -14.53 -18.09 -6.77
N ASP D 14 -15.54 -18.37 -7.60
CA ASP D 14 -15.72 -19.65 -8.22
C ASP D 14 -15.22 -19.55 -9.66
N SER D 15 -13.96 -19.87 -9.86
CA SER D 15 -13.36 -19.95 -11.17
C SER D 15 -13.45 -18.67 -12.01
N ALA D 16 -13.29 -17.51 -11.38
CA ALA D 16 -13.37 -16.24 -12.10
C ALA D 16 -12.56 -15.10 -11.51
N ALA D 17 -11.61 -15.41 -10.63
CA ALA D 17 -10.82 -14.36 -9.99
C ALA D 17 -10.13 -13.45 -10.99
N LEU D 18 -9.55 -14.05 -12.04
CA LEU D 18 -8.82 -13.23 -13.03
C LEU D 18 -9.77 -12.37 -13.87
N GLU D 19 -10.91 -12.93 -14.26
CA GLU D 19 -11.90 -12.18 -14.99
C GLU D 19 -12.38 -10.98 -14.17
N ALA D 20 -12.66 -11.23 -12.89
CA ALA D 20 -13.16 -10.17 -12.02
C ALA D 20 -12.10 -9.06 -11.86
N ALA D 21 -10.87 -9.46 -11.55
CA ALA D 21 -9.77 -8.51 -11.32
C ALA D 21 -9.53 -7.67 -12.55
N THR D 22 -9.64 -8.30 -13.72
CA THR D 22 -9.43 -7.64 -15.00
C THR D 22 -10.52 -6.59 -15.23
N PHE D 23 -11.77 -6.96 -14.97
CA PHE D 23 -12.89 -6.02 -15.03
C PHE D 23 -12.70 -4.81 -14.10
N TYR D 24 -12.31 -5.07 -12.85
CA TYR D 24 -12.12 -3.98 -11.92
C TYR D 24 -11.03 -3.04 -12.42
N ALA D 25 -9.95 -3.62 -12.96
CA ALA D 25 -8.81 -2.84 -13.44
C ALA D 25 -9.19 -1.93 -14.59
N GLU D 26 -10.11 -2.37 -15.43
CA GLU D 26 -10.49 -1.54 -16.57
C GLU D 26 -11.64 -0.57 -16.23
N THR D 27 -12.23 -0.72 -15.06
CA THR D 27 -13.39 0.08 -14.68
C THR D 27 -13.08 1.24 -13.73
N PHE D 28 -12.20 1.01 -12.76
CA PHE D 28 -11.95 1.94 -11.67
C PHE D 28 -10.53 2.52 -11.78
N PRO D 29 -10.31 3.73 -11.28
CA PRO D 29 -8.97 4.33 -11.25
C PRO D 29 -8.10 3.63 -10.24
N ASP D 30 -6.79 3.82 -10.40
CA ASP D 30 -5.78 3.23 -9.50
C ASP D 30 -6.09 1.76 -9.21
N SER D 31 -6.39 1.02 -10.28
CA SER D 31 -6.72 -0.41 -10.20
C SER D 31 -5.90 -1.16 -11.26
N ALA D 32 -5.47 -2.37 -10.94
CA ALA D 32 -4.55 -3.12 -11.80
C ALA D 32 -4.52 -4.58 -11.38
N VAL D 33 -4.28 -5.45 -12.34
CA VAL D 33 -3.96 -6.85 -12.06
C VAL D 33 -2.44 -6.91 -11.85
N LEU D 34 -2.01 -7.47 -10.71
CA LEU D 34 -0.60 -7.42 -10.26
C LEU D 34 0.16 -8.71 -10.50
N ALA D 35 -0.47 -9.85 -10.26
CA ALA D 35 0.18 -11.14 -10.38
C ALA D 35 -0.85 -12.24 -10.48
N VAL D 36 -0.50 -13.29 -11.20
CA VAL D 36 -1.35 -14.46 -11.35
C VAL D 36 -0.54 -15.67 -10.88
N HIS D 37 -1.15 -16.51 -10.06
CA HIS D 37 -0.49 -17.65 -9.43
C HIS D 37 -1.23 -18.94 -9.74
N ARG D 38 -0.48 -19.99 -10.05
CA ARG D 38 -1.02 -21.32 -10.26
C ARG D 38 -0.86 -22.15 -9.01
N ALA D 39 -1.65 -23.21 -8.89
CA ALA D 39 -1.56 -24.15 -7.75
C ALA D 39 -0.16 -24.78 -7.67
N PRO D 40 0.34 -24.98 -6.45
CA PRO D 40 1.67 -25.59 -6.25
C PRO D 40 1.78 -26.99 -6.83
N ASP D 50 -6.52 -23.11 -14.39
CA ASP D 50 -5.22 -23.31 -13.78
C ASP D 50 -4.88 -22.19 -12.76
N VAL D 51 -5.44 -20.98 -12.94
CA VAL D 51 -5.21 -19.87 -11.98
C VAL D 51 -5.79 -20.20 -10.59
N LEU D 52 -4.93 -20.22 -9.56
CA LEU D 52 -5.38 -20.44 -8.19
C LEU D 52 -5.66 -19.13 -7.48
N THR D 53 -4.74 -18.16 -7.57
CA THR D 53 -4.98 -16.84 -7.00
C THR D 53 -4.54 -15.73 -7.94
N VAL D 54 -5.13 -14.56 -7.72
CA VAL D 54 -4.79 -13.36 -8.46
C VAL D 54 -4.56 -12.23 -7.47
N GLU D 55 -3.40 -11.57 -7.55
CA GLU D 55 -3.16 -10.35 -6.78
C GLU D 55 -3.59 -9.18 -7.63
N PHE D 56 -4.33 -8.26 -7.03
CA PHE D 56 -4.87 -7.11 -7.77
C PHE D 56 -5.13 -5.93 -6.85
N ARG D 57 -5.30 -4.77 -7.45
CA ARG D 57 -5.52 -3.53 -6.71
C ARG D 57 -6.84 -2.93 -7.19
N VAL D 58 -7.64 -2.46 -6.23
CA VAL D 58 -8.90 -1.77 -6.52
C VAL D 58 -8.90 -0.43 -5.82
N MSE D 59 -8.72 0.62 -6.59
CA MSE D 59 -8.68 1.99 -6.07
C MSE D 59 -7.78 2.07 -4.84
O MSE D 59 -8.20 2.52 -3.75
CB MSE D 59 -10.09 2.50 -5.82
CG MSE D 59 -10.83 2.78 -7.10
SE MSE D 59 -12.71 3.18 -6.94
CE MSE D 59 -13.35 1.33 -6.61
N GLY D 60 -6.58 1.56 -5.05
CA GLY D 60 -5.52 1.57 -4.05
C GLY D 60 -5.46 0.37 -3.15
N ILE D 61 -6.58 -0.33 -2.97
CA ILE D 61 -6.69 -1.40 -1.97
C ILE D 61 -6.05 -2.66 -2.54
N PRO D 62 -5.08 -3.25 -1.83
CA PRO D 62 -4.47 -4.51 -2.26
C PRO D 62 -5.38 -5.68 -1.97
N CYS D 63 -5.62 -6.47 -3.01
CA CYS D 63 -6.53 -7.60 -2.93
C CYS D 63 -5.91 -8.90 -3.42
N LEU D 64 -6.53 -9.98 -2.98
CA LEU D 64 -6.17 -11.33 -3.40
C LEU D 64 -7.48 -12.01 -3.72
N GLY D 65 -7.61 -12.51 -4.94
CA GLY D 65 -8.76 -13.32 -5.33
C GLY D 65 -8.39 -14.80 -5.38
N LEU D 66 -9.20 -15.62 -4.73
CA LEU D 66 -8.95 -17.06 -4.62
C LEU D 66 -9.98 -17.80 -5.44
N ASN D 67 -9.52 -18.66 -6.35
CA ASN D 67 -10.42 -19.53 -7.06
C ASN D 67 -10.61 -20.81 -6.24
N GLY D 68 -11.68 -20.86 -5.46
CA GLY D 68 -11.90 -21.96 -4.55
C GLY D 68 -13.20 -22.72 -4.75
N GLY D 69 -13.82 -22.56 -5.92
CA GLY D 69 -15.11 -23.17 -6.14
C GLY D 69 -16.29 -22.48 -5.46
N PRO D 70 -17.47 -23.07 -5.58
CA PRO D 70 -18.71 -22.46 -5.07
C PRO D 70 -18.98 -22.51 -3.55
N ALA D 71 -18.06 -23.04 -2.74
CA ALA D 71 -18.31 -23.27 -1.31
C ALA D 71 -18.81 -22.06 -0.53
N PHE D 72 -18.29 -20.89 -0.87
CA PHE D 72 -18.65 -19.66 -0.15
C PHE D 72 -19.32 -18.69 -1.10
N ARG D 73 -20.34 -18.02 -0.58
CA ARG D 73 -21.14 -17.04 -1.32
C ARG D 73 -20.97 -15.67 -0.68
N HIS D 74 -20.79 -14.64 -1.50
CA HIS D 74 -20.73 -13.26 -0.99
C HIS D 74 -22.10 -12.80 -0.47
N SER D 75 -22.05 -11.87 0.47
CA SER D 75 -23.24 -11.19 0.97
C SER D 75 -22.87 -9.75 1.27
N GLU D 76 -23.91 -8.95 1.50
CA GLU D 76 -23.79 -7.54 1.84
C GLU D 76 -23.02 -7.29 3.14
N ALA D 77 -22.70 -8.36 3.88
CA ALA D 77 -21.85 -8.24 5.07
C ALA D 77 -20.51 -7.55 4.78
N PHE D 78 -19.99 -7.77 3.55
CA PHE D 78 -18.83 -7.04 3.06
C PHE D 78 -19.24 -6.24 1.83
N SER D 79 -18.75 -5.01 1.71
CA SER D 79 -18.90 -4.25 0.47
C SER D 79 -17.76 -3.26 0.30
N PHE D 80 -17.49 -2.89 -0.95
CA PHE D 80 -16.59 -1.80 -1.25
C PHE D 80 -17.44 -0.53 -1.38
N GLN D 81 -17.15 0.51 -0.60
CA GLN D 81 -17.86 1.77 -0.70
C GLN D 81 -16.99 2.75 -1.47
N VAL D 82 -17.46 3.18 -2.64
CA VAL D 82 -16.71 4.02 -3.55
C VAL D 82 -17.24 5.44 -3.46
N ALA D 83 -16.36 6.38 -3.14
CA ALA D 83 -16.71 7.80 -3.03
C ALA D 83 -16.63 8.44 -4.40
N THR D 84 -17.75 8.99 -4.86
CA THR D 84 -17.81 9.62 -6.17
C THR D 84 -18.01 11.15 -6.08
N ASP D 85 -17.54 11.83 -7.11
CA ASP D 85 -17.35 13.28 -7.07
C ASP D 85 -18.50 14.04 -7.70
N ASP D 86 -19.24 13.39 -8.58
CA ASP D 86 -20.33 14.02 -9.29
C ASP D 86 -21.29 12.97 -9.85
N GLN D 87 -22.38 13.43 -10.42
CA GLN D 87 -23.38 12.51 -10.96
C GLN D 87 -22.83 11.70 -12.13
N ALA D 88 -21.96 12.31 -12.94
CA ALA D 88 -21.39 11.63 -14.08
C ALA D 88 -20.59 10.40 -13.65
N GLU D 89 -19.80 10.53 -12.58
CA GLU D 89 -18.96 9.43 -12.10
C GLU D 89 -19.85 8.39 -11.43
N THR D 90 -20.83 8.87 -10.66
CA THR D 90 -21.77 7.99 -9.99
C THR D 90 -22.48 7.09 -10.99
N ASP D 91 -23.01 7.71 -12.05
CA ASP D 91 -23.72 6.96 -13.08
C ASP D 91 -22.80 6.01 -13.83
N ARG D 92 -21.59 6.44 -14.14
CA ARG D 92 -20.65 5.61 -14.89
C ARG D 92 -20.31 4.33 -14.15
N LEU D 93 -19.99 4.45 -12.86
CA LEU D 93 -19.61 3.29 -12.07
C LEU D 93 -20.78 2.38 -11.74
N TRP D 94 -21.90 2.97 -11.34
CA TRP D 94 -23.13 2.22 -11.13
C TRP D 94 -23.48 1.41 -12.37
N ASN D 95 -23.52 2.07 -13.52
CA ASN D 95 -23.92 1.41 -14.75
C ASN D 95 -22.93 0.30 -15.09
N ALA D 96 -21.64 0.55 -14.87
CA ALA D 96 -20.62 -0.44 -15.21
C ALA D 96 -20.82 -1.74 -14.44
N ILE D 97 -21.09 -1.61 -13.15
CA ILE D 97 -21.24 -2.77 -12.29
C ILE D 97 -22.57 -3.47 -12.58
N VAL D 98 -23.64 -2.70 -12.64
CA VAL D 98 -24.96 -3.25 -12.82
C VAL D 98 -25.14 -3.87 -14.21
N ASP D 99 -24.70 -3.17 -15.24
CA ASP D 99 -24.92 -3.63 -16.62
C ASP D 99 -24.04 -4.81 -17.02
N ASN D 100 -22.94 -5.07 -16.31
CA ASN D 100 -22.08 -6.21 -16.62
C ASN D 100 -22.49 -7.46 -15.79
N GLY D 101 -23.73 -7.91 -15.98
CA GLY D 101 -24.23 -9.05 -15.24
C GLY D 101 -24.50 -8.83 -13.76
N GLY D 102 -24.59 -7.56 -13.34
CA GLY D 102 -24.87 -7.22 -11.97
C GLY D 102 -26.32 -6.93 -11.69
N GLU D 103 -26.55 -6.32 -10.55
CA GLU D 103 -27.90 -6.06 -10.04
C GLU D 103 -27.92 -4.75 -9.25
N GLU D 104 -29.01 -4.01 -9.40
CA GLU D 104 -29.28 -2.82 -8.59
C GLU D 104 -29.82 -3.22 -7.22
N SER D 105 -29.47 -2.44 -6.20
CA SER D 105 -30.03 -2.56 -4.88
C SER D 105 -30.40 -1.18 -4.35
N ALA D 106 -30.56 -1.05 -3.04
CA ALA D 106 -31.11 0.16 -2.43
C ALA D 106 -29.99 1.10 -1.94
N CYS D 107 -30.27 2.40 -1.93
CA CYS D 107 -29.43 3.39 -1.25
C CYS D 107 -27.98 3.38 -1.71
N GLY D 108 -27.78 3.28 -3.02
CA GLY D 108 -26.46 3.33 -3.61
C GLY D 108 -25.75 1.97 -3.62
N TRP D 109 -26.38 0.94 -3.08
CA TRP D 109 -25.80 -0.40 -3.14
C TRP D 109 -26.15 -1.10 -4.45
N CYS D 110 -25.19 -1.86 -4.97
CA CYS D 110 -25.41 -2.72 -6.12
C CYS D 110 -24.52 -3.98 -5.96
N ARG D 111 -24.65 -4.92 -6.88
CA ARG D 111 -23.87 -6.15 -6.81
C ARG D 111 -23.27 -6.42 -8.18
N ASP D 112 -22.03 -6.90 -8.20
CA ASP D 112 -21.40 -7.26 -9.47
C ASP D 112 -21.73 -8.71 -9.91
N LYS D 113 -21.23 -9.10 -11.07
CA LYS D 113 -21.48 -10.42 -11.65
C LYS D 113 -21.04 -11.58 -10.76
N TRP D 114 -20.05 -11.33 -9.92
CA TRP D 114 -19.49 -12.34 -9.05
C TRP D 114 -20.12 -12.33 -7.66
N GLY D 115 -21.15 -11.50 -7.48
CA GLY D 115 -21.93 -11.43 -6.26
C GLY D 115 -21.41 -10.46 -5.22
N ILE D 116 -20.32 -9.76 -5.51
CA ILE D 116 -19.73 -8.82 -4.57
C ILE D 116 -20.52 -7.51 -4.52
N SER D 117 -20.73 -7.00 -3.30
CA SER D 117 -21.50 -5.79 -3.07
C SER D 117 -20.60 -4.55 -3.20
N TRP D 118 -21.13 -3.55 -3.92
CA TRP D 118 -20.50 -2.25 -4.08
C TRP D 118 -21.50 -1.19 -3.67
N GLN D 119 -21.01 -0.13 -3.04
CA GLN D 119 -21.80 1.06 -2.80
C GLN D 119 -21.18 2.18 -3.64
N ILE D 120 -21.97 2.80 -4.52
CA ILE D 120 -21.50 3.93 -5.28
C ILE D 120 -22.10 5.14 -4.58
N THR D 121 -21.30 5.76 -3.74
CA THR D 121 -21.75 6.71 -2.75
C THR D 121 -21.16 8.10 -2.99
N PRO D 122 -21.95 9.05 -3.49
CA PRO D 122 -21.46 10.43 -3.65
C PRO D 122 -20.88 10.99 -2.35
N ARG D 123 -19.75 11.69 -2.47
CA ARG D 123 -19.15 12.36 -1.32
C ARG D 123 -20.16 13.30 -0.67
N VAL D 124 -20.97 13.96 -1.49
CA VAL D 124 -22.02 14.87 -1.01
C VAL D 124 -22.98 14.16 -0.08
N LEU D 125 -23.32 12.91 -0.40
CA LEU D 125 -24.22 12.13 0.45
C LEU D 125 -23.57 11.79 1.78
N SER D 126 -22.37 11.24 1.75
CA SER D 126 -21.64 10.91 2.98
C SER D 126 -21.49 12.14 3.88
N GLU D 127 -21.14 13.28 3.29
CA GLU D 127 -20.98 14.53 4.03
C GLU D 127 -22.31 14.97 4.67
N ALA D 128 -23.39 14.85 3.92
CA ALA D 128 -24.72 15.27 4.38
C ALA D 128 -25.21 14.48 5.59
N ILE D 129 -25.09 13.15 5.51
CA ILE D 129 -25.55 12.25 6.58
C ILE D 129 -24.78 12.44 7.87
N ALA D 130 -23.52 12.86 7.76
CA ALA D 130 -22.64 13.02 8.92
C ALA D 130 -22.65 14.45 9.48
N SER D 131 -23.45 15.31 8.86
CA SER D 131 -23.45 16.75 9.18
C SER D 131 -23.94 17.06 10.59
N PRO D 132 -23.25 17.96 11.28
CA PRO D 132 -23.70 18.41 12.62
C PRO D 132 -25.04 19.16 12.60
N ASP D 133 -25.46 19.61 11.41
CA ASP D 133 -26.82 20.07 11.21
C ASP D 133 -27.74 18.85 11.10
N ARG D 134 -28.33 18.47 12.24
CA ARG D 134 -29.13 17.26 12.37
C ARG D 134 -30.38 17.23 11.46
N ALA D 135 -31.09 18.35 11.39
CA ALA D 135 -32.28 18.46 10.57
C ALA D 135 -31.95 18.24 9.10
N ALA D 136 -30.88 18.86 8.63
CA ALA D 136 -30.42 18.75 7.25
C ALA D 136 -29.94 17.33 6.97
N ALA D 137 -29.16 16.76 7.89
CA ALA D 137 -28.67 15.39 7.78
C ALA D 137 -29.82 14.41 7.67
N ARG D 138 -30.88 14.64 8.46
CA ARG D 138 -32.00 13.73 8.46
C ARG D 138 -32.82 13.85 7.17
N ARG D 139 -32.91 15.04 6.60
CA ARG D 139 -33.61 15.21 5.31
C ARG D 139 -32.88 14.43 4.22
N ALA D 140 -31.56 14.48 4.25
CA ALA D 140 -30.74 13.76 3.27
C ALA D 140 -30.83 12.25 3.47
N PHE D 141 -30.86 11.82 4.73
CA PHE D 141 -30.97 10.40 5.14
C PHE D 141 -32.30 9.82 4.66
N GLU D 142 -33.38 10.59 4.83
CA GLU D 142 -34.71 10.17 4.39
C GLU D 142 -34.80 10.05 2.89
N ALA D 143 -34.25 11.04 2.19
CA ALA D 143 -34.24 11.07 0.75
C ALA D 143 -33.47 9.87 0.19
N MSE D 144 -32.38 9.52 0.87
CA MSE D 144 -31.52 8.41 0.43
C MSE D 144 -32.28 7.08 0.49
O MSE D 144 -32.09 6.21 -0.36
CB MSE D 144 -30.28 8.33 1.33
CG MSE D 144 -29.32 7.21 1.00
SE MSE D 144 -28.11 6.87 2.51
CE MSE D 144 -29.41 5.92 3.68
N MSE D 145 -33.13 6.94 1.50
CA MSE D 145 -33.85 5.68 1.73
C MSE D 145 -34.93 5.39 0.67
O MSE D 145 -35.44 4.28 0.61
CB MSE D 145 -34.39 5.62 3.16
CG MSE D 145 -33.33 5.11 4.15
SE MSE D 145 -33.76 5.20 6.06
CE MSE D 145 -35.28 6.38 5.99
N THR D 146 -35.24 6.38 -0.17
CA THR D 146 -36.16 6.21 -1.30
C THR D 146 -35.46 5.81 -2.60
N MSE D 147 -34.13 5.72 -2.59
CA MSE D 147 -33.35 5.63 -3.82
C MSE D 147 -32.77 4.24 -4.05
O MSE D 147 -32.57 3.47 -3.11
CB MSE D 147 -32.18 6.62 -3.76
CG MSE D 147 -32.60 8.04 -3.98
SE MSE D 147 -31.17 9.29 -3.62
CE MSE D 147 -32.25 10.97 -3.59
N GLY D 148 -32.51 3.93 -5.33
CA GLY D 148 -31.55 2.91 -5.69
C GLY D 148 -30.25 3.62 -5.97
N ARG D 149 -30.01 3.93 -7.24
CA ARG D 149 -28.90 4.79 -7.64
C ARG D 149 -29.08 6.14 -6.94
N ILE D 150 -27.99 6.71 -6.40
CA ILE D 150 -28.09 8.01 -5.72
C ILE D 150 -28.18 9.13 -6.72
N ASP D 151 -29.20 9.98 -6.55
CA ASP D 151 -29.32 11.20 -7.31
C ASP D 151 -28.86 12.38 -6.45
N ILE D 152 -27.71 12.94 -6.80
CA ILE D 152 -27.05 13.94 -5.99
C ILE D 152 -27.90 15.21 -5.86
N ALA D 153 -28.51 15.64 -6.96
CA ALA D 153 -29.31 16.86 -6.95
C ALA D 153 -30.45 16.74 -5.94
N THR D 154 -31.07 15.56 -5.87
CA THR D 154 -32.17 15.34 -4.95
C THR D 154 -31.67 15.32 -3.51
N ILE D 155 -30.48 14.75 -3.28
CA ILE D 155 -29.87 14.78 -1.96
C ILE D 155 -29.56 16.22 -1.54
N GLU D 156 -29.06 17.03 -2.47
CA GLU D 156 -28.65 18.41 -2.16
C GLU D 156 -29.88 19.26 -1.87
N LYS D 157 -30.94 19.06 -2.64
CA LYS D 157 -32.19 19.77 -2.44
C LYS D 157 -32.77 19.44 -1.06
N ALA D 158 -32.77 18.15 -0.72
CA ALA D 158 -33.27 17.68 0.55
C ALA D 158 -32.46 18.27 1.71
N PHE D 159 -31.14 18.26 1.58
CA PHE D 159 -30.25 18.77 2.63
C PHE D 159 -30.48 20.25 2.86
N LYS D 160 -30.64 20.97 1.74
CA LYS D 160 -30.86 22.42 1.75
C LYS D 160 -32.22 22.75 2.36
#